data_7N1C
#
_entry.id   7N1C
#
_cell.length_a   42.084
_cell.length_b   101.921
_cell.length_c   104.674
_cell.angle_alpha   90.000
_cell.angle_beta   90.000
_cell.angle_gamma   90.000
#
_symmetry.space_group_name_H-M   'P 21 21 21'
#
loop_
_entity.id
_entity.type
_entity.pdbx_description
1 polymer 'pRLQ3 T cell receptor alpha chain'
2 polymer 'pRLQ3 T cell receptor beta chain'
3 water water
#
loop_
_entity_poly.entity_id
_entity_poly.type
_entity_poly.pdbx_seq_one_letter_code
_entity_poly.pdbx_strand_id
1 'polypeptide(L)'
;QRVTQPEKLLSVFKGAPVELKCNYSYSGSPELFWYVQYSRQRLQLLLRHISRESIKGFTADLNKGETSFHLKKPFAQEED
SAMYYCALSGFNNAGNMLTFGGGTRLMVKPNIQNPDPAVYQLRDSKSSDKSVCLFTDFDSQTNVSQSKDSDVYITDKCVL
DMRSMDFKSNSAVAWSNKSDFACANAFNNSIIPEDTFFPSPESS
;
D
2 'polypeptide(L)'
;GVAQSPRYKIIEKRQSVAFWCNPISGHATLYWYQQILGQGPKLLIQFQNNGVVDDSQLPKDRFSAERLKGVDSTLKIQPA
KLEDSAVYLCASSLGGAGGADTQYFGPGTRLTVLEDLKNVFPPEVAVFEPSEAEISHTQKATLVCLATGFYPDHVELSWW
VNGKEVHSGVCTDPQPLKEQPALNDSRYALSSRLRVSATFWQNPRNHFRCQVQFYGLSENDEWTQDRAKPVTQIVSAEAW
GRAD
;
E
#
# COMPACT_ATOMS: atom_id res chain seq x y z
N GLN A 1 -26.68 -13.22 -2.86
CA GLN A 1 -26.04 -12.00 -2.34
C GLN A 1 -24.61 -11.85 -2.85
N ARG A 2 -24.44 -11.03 -3.89
CA ARG A 2 -23.11 -10.78 -4.45
C ARG A 2 -22.98 -9.30 -4.81
N VAL A 3 -21.74 -8.82 -4.74
CA VAL A 3 -21.35 -7.46 -5.07
C VAL A 3 -20.21 -7.58 -6.06
N THR A 4 -20.31 -6.89 -7.19
CA THR A 4 -19.27 -6.95 -8.21
C THR A 4 -18.73 -5.55 -8.50
N GLN A 5 -17.43 -5.39 -8.37
CA GLN A 5 -16.71 -4.23 -8.88
C GLN A 5 -15.92 -4.70 -10.09
N PRO A 6 -16.34 -4.36 -11.32
CA PRO A 6 -15.81 -5.05 -12.51
C PRO A 6 -14.36 -4.72 -12.85
N GLU A 7 -13.82 -3.62 -12.35
CA GLU A 7 -12.48 -3.20 -12.71
C GLU A 7 -11.65 -3.03 -11.43
N LYS A 8 -10.41 -3.52 -11.46
CA LYS A 8 -9.52 -3.39 -10.30
C LYS A 8 -8.78 -2.07 -10.25
N LEU A 9 -8.68 -1.34 -11.37
CA LEU A 9 -7.88 -0.13 -11.41
C LEU A 9 -8.59 0.91 -12.26
N LEU A 10 -8.70 2.13 -11.73
CA LEU A 10 -9.16 3.25 -12.54
C LEU A 10 -8.17 4.39 -12.36
N SER A 11 -7.56 4.82 -13.47
CA SER A 11 -6.61 5.91 -13.50
C SER A 11 -7.23 7.09 -14.26
N VAL A 12 -7.32 8.25 -13.60
CA VAL A 12 -7.95 9.42 -14.20
C VAL A 12 -7.00 10.61 -14.09
N PHE A 13 -7.23 11.61 -14.94
CA PHE A 13 -6.53 12.88 -14.78
C PHE A 13 -7.17 13.69 -13.66
N LYS A 14 -6.36 14.53 -13.04
CA LYS A 14 -6.89 15.48 -12.05
C LYS A 14 -7.95 16.35 -12.74
N GLY A 15 -9.09 16.50 -12.10
CA GLY A 15 -10.19 17.34 -12.62
C GLY A 15 -11.07 16.60 -13.60
N ALA A 16 -10.81 15.33 -13.88
CA ALA A 16 -11.67 14.56 -14.78
C ALA A 16 -12.69 13.79 -13.95
N PRO A 17 -13.82 13.38 -14.52
CA PRO A 17 -14.81 12.68 -13.77
C PRO A 17 -14.38 11.30 -13.30
N VAL A 18 -14.96 10.87 -12.21
CA VAL A 18 -14.71 9.55 -11.60
C VAL A 18 -16.01 8.78 -11.52
N GLU A 19 -16.00 7.56 -12.02
CA GLU A 19 -17.10 6.62 -11.83
C GLU A 19 -16.53 5.25 -11.48
N LEU A 20 -16.72 4.83 -10.22
CA LEU A 20 -16.29 3.53 -9.73
C LEU A 20 -17.52 2.63 -9.70
N LYS A 21 -17.53 1.62 -10.56
CA LYS A 21 -18.75 0.88 -10.83
C LYS A 21 -18.99 -0.19 -9.78
N CYS A 22 -20.25 -0.35 -9.38
CA CYS A 22 -20.63 -1.42 -8.48
C CYS A 22 -22.01 -1.93 -8.85
N ASN A 23 -22.14 -3.24 -9.06
CA ASN A 23 -23.42 -3.87 -9.31
C ASN A 23 -23.65 -4.94 -8.26
N TYR A 24 -24.92 -5.18 -7.93
CA TYR A 24 -25.26 -6.13 -6.90
C TYR A 24 -26.30 -7.13 -7.42
N SER A 25 -26.38 -8.26 -6.74
CA SER A 25 -27.43 -9.24 -6.96
C SER A 25 -28.00 -9.58 -5.58
N TYR A 26 -29.29 -9.34 -5.41
CA TYR A 26 -29.91 -9.44 -4.10
C TYR A 26 -31.42 -9.52 -4.28
N SER A 27 -32.05 -10.51 -3.66
CA SER A 27 -33.50 -10.64 -3.66
C SER A 27 -34.07 -9.84 -2.50
N GLY A 28 -34.73 -8.73 -2.81
CA GLY A 28 -35.32 -7.86 -1.82
C GLY A 28 -34.77 -6.46 -1.91
N SER A 29 -35.00 -5.69 -0.85
CA SER A 29 -34.55 -4.31 -0.78
C SER A 29 -33.15 -4.25 -0.19
N PRO A 30 -32.14 -3.85 -0.96
CA PRO A 30 -30.76 -3.89 -0.48
C PRO A 30 -30.35 -2.64 0.27
N GLU A 31 -29.38 -2.80 1.16
CA GLU A 31 -28.69 -1.71 1.83
C GLU A 31 -27.26 -1.65 1.30
N LEU A 32 -26.88 -0.51 0.71
CA LEU A 32 -25.60 -0.40 0.02
C LEU A 32 -24.72 0.69 0.63
N PHE A 33 -23.40 0.47 0.54
CA PHE A 33 -22.39 1.31 1.15
C PHE A 33 -21.17 1.40 0.24
N TRP A 34 -20.42 2.46 0.40
CA TRP A 34 -19.03 2.52 -0.08
C TRP A 34 -18.10 2.70 1.12
N TYR A 35 -17.03 1.91 1.13
CA TYR A 35 -15.95 2.06 2.10
C TYR A 35 -14.69 2.47 1.36
N VAL A 36 -13.77 3.13 2.08
CA VAL A 36 -12.55 3.66 1.48
C VAL A 36 -11.39 3.35 2.40
N GLN A 37 -10.21 3.11 1.82
CA GLN A 37 -9.00 2.94 2.60
C GLN A 37 -7.89 3.75 1.96
N TYR A 38 -7.48 4.84 2.62
CA TYR A 38 -6.34 5.62 2.18
C TYR A 38 -5.05 4.96 2.63
N SER A 39 -3.97 5.28 1.93
CA SER A 39 -2.66 4.68 2.23
C SER A 39 -2.32 4.84 3.70
N ARG A 40 -1.92 3.72 4.32
CA ARG A 40 -1.52 3.60 5.73
C ARG A 40 -2.65 3.84 6.73
N GLN A 41 -3.89 4.07 6.28
CA GLN A 41 -5.02 4.30 7.17
C GLN A 41 -5.90 3.06 7.26
N ARG A 42 -6.85 3.07 8.20
CA ARG A 42 -7.77 1.95 8.36
C ARG A 42 -8.89 2.03 7.32
N LEU A 43 -9.42 0.86 6.93
CA LEU A 43 -10.62 0.82 6.11
C LEU A 43 -11.76 1.49 6.85
N GLN A 44 -12.52 2.36 6.16
CA GLN A 44 -13.54 3.14 6.84
C GLN A 44 -14.73 3.43 5.94
N LEU A 45 -15.88 3.68 6.57
CA LEU A 45 -17.07 4.04 5.81
C LEU A 45 -16.87 5.35 5.06
N LEU A 46 -17.32 5.39 3.79
CA LEU A 46 -17.39 6.63 3.04
C LEU A 46 -18.81 7.15 2.98
N LEU A 47 -19.75 6.37 2.42
CA LEU A 47 -21.13 6.83 2.38
C LEU A 47 -22.08 5.64 2.38
N ARG A 48 -23.36 5.95 2.60
CA ARG A 48 -24.46 5.00 2.55
C ARG A 48 -25.45 5.43 1.47
N HIS A 49 -26.32 4.50 1.05
CA HIS A 49 -27.27 4.82 -0.01
C HIS A 49 -28.44 5.65 0.49
N ILE A 50 -28.63 5.74 1.80
CA ILE A 50 -29.85 6.33 2.33
C ILE A 50 -29.81 7.85 2.35
N SER A 51 -28.63 8.47 2.26
CA SER A 51 -28.52 9.92 2.29
C SER A 51 -27.99 10.47 0.96
N ARG A 52 -28.58 11.58 0.51
CA ARG A 52 -28.13 12.28 -0.69
C ARG A 52 -26.86 13.09 -0.47
N GLU A 53 -26.39 13.23 0.77
CA GLU A 53 -25.24 14.09 1.06
C GLU A 53 -24.04 13.70 0.22
N SER A 54 -23.33 14.71 -0.28
CA SER A 54 -22.05 14.50 -0.92
C SER A 54 -20.98 14.38 0.17
N ILE A 55 -20.19 13.31 0.13
CA ILE A 55 -19.12 13.09 1.10
C ILE A 55 -17.79 13.16 0.37
N LYS A 56 -16.99 14.14 0.75
CA LYS A 56 -15.68 14.38 0.08
C LYS A 56 -15.91 14.52 -1.43
N GLY A 57 -17.02 15.10 -1.83
CA GLY A 57 -17.31 15.34 -3.22
C GLY A 57 -17.95 14.16 -3.94
N PHE A 58 -18.00 12.99 -3.32
CA PHE A 58 -18.58 11.79 -3.93
C PHE A 58 -20.07 11.66 -3.63
N THR A 59 -20.80 11.11 -4.61
CA THR A 59 -22.16 10.65 -4.39
C THR A 59 -22.34 9.27 -5.02
N ALA A 60 -23.32 8.52 -4.53
CA ALA A 60 -23.68 7.24 -5.14
C ALA A 60 -25.18 7.06 -5.11
N ASP A 61 -25.78 6.80 -6.27
CA ASP A 61 -27.23 6.68 -6.41
C ASP A 61 -27.58 5.22 -6.61
N LEU A 62 -28.44 4.69 -5.75
CA LEU A 62 -28.95 3.35 -5.93
C LEU A 62 -29.91 3.36 -7.11
N ASN A 63 -29.61 2.55 -8.14
CA ASN A 63 -30.44 2.49 -9.35
C ASN A 63 -30.93 1.06 -9.45
N LYS A 64 -32.15 0.82 -8.99
CA LYS A 64 -32.62 -0.56 -8.90
C LYS A 64 -32.91 -1.14 -10.28
N GLY A 65 -33.25 -0.30 -11.26
CA GLY A 65 -33.47 -0.78 -12.62
C GLY A 65 -32.21 -1.36 -13.26
N GLU A 66 -31.03 -0.92 -12.78
CA GLU A 66 -29.73 -1.41 -13.24
C GLU A 66 -28.98 -2.21 -12.17
N THR A 67 -29.59 -2.44 -11.01
CA THR A 67 -28.94 -2.98 -9.81
C THR A 67 -27.50 -2.47 -9.72
N SER A 68 -27.38 -1.14 -9.68
CA SER A 68 -26.09 -0.46 -9.63
C SER A 68 -26.05 0.49 -8.44
N PHE A 69 -24.82 0.77 -7.99
CA PHE A 69 -24.57 1.74 -6.93
C PHE A 69 -23.21 2.38 -7.22
N HIS A 70 -23.12 3.08 -8.34
CA HIS A 70 -21.83 3.57 -8.81
C HIS A 70 -21.42 4.81 -8.02
N LEU A 71 -20.15 4.86 -7.64
CA LEU A 71 -19.60 6.00 -6.91
C LEU A 71 -19.06 7.01 -7.91
N LYS A 72 -19.51 8.27 -7.81
CA LYS A 72 -19.22 9.25 -8.84
C LYS A 72 -18.80 10.59 -8.23
N LYS A 73 -17.92 11.29 -8.95
CA LYS A 73 -17.43 12.61 -8.60
C LYS A 73 -17.04 13.31 -9.90
N PRO A 74 -17.48 14.56 -10.14
CA PRO A 74 -17.19 15.17 -11.45
C PRO A 74 -15.76 15.65 -11.65
N PHE A 75 -14.99 15.94 -10.60
CA PHE A 75 -13.64 16.50 -10.76
C PHE A 75 -12.69 15.80 -9.81
N ALA A 76 -11.90 14.87 -10.35
CA ALA A 76 -10.97 14.10 -9.52
C ALA A 76 -9.94 15.01 -8.86
N GLN A 77 -9.69 14.73 -7.58
CA GLN A 77 -8.68 15.43 -6.78
C GLN A 77 -7.56 14.44 -6.42
N GLU A 78 -6.34 14.94 -6.32
CA GLU A 78 -5.19 14.07 -5.99
C GLU A 78 -5.44 13.36 -4.67
N GLU A 79 -6.12 14.00 -3.75
CA GLU A 79 -6.42 13.41 -2.45
C GLU A 79 -7.39 12.23 -2.53
N ASP A 80 -8.07 12.02 -3.66
CA ASP A 80 -9.01 10.90 -3.77
C ASP A 80 -8.35 9.57 -4.07
N SER A 81 -7.07 9.57 -4.47
CA SER A 81 -6.35 8.33 -4.70
C SER A 81 -6.43 7.45 -3.45
N ALA A 82 -6.94 6.23 -3.63
CA ALA A 82 -7.24 5.32 -2.53
C ALA A 82 -7.81 4.02 -3.05
N MET A 83 -8.11 3.08 -2.15
CA MET A 83 -8.87 1.87 -2.48
C MET A 83 -10.33 2.09 -2.10
N TYR A 84 -11.24 1.66 -2.97
CA TYR A 84 -12.66 1.87 -2.74
C TYR A 84 -13.36 0.52 -2.80
N TYR A 85 -14.23 0.25 -1.83
CA TYR A 85 -14.94 -1.02 -1.79
C TYR A 85 -16.43 -0.78 -1.67
N CYS A 86 -17.20 -1.39 -2.58
CA CYS A 86 -18.65 -1.42 -2.49
C CYS A 86 -19.09 -2.52 -1.53
N ALA A 87 -20.19 -2.29 -0.81
CA ALA A 87 -20.64 -3.33 0.10
C ALA A 87 -22.16 -3.37 0.17
N LEU A 88 -22.70 -4.55 0.46
CA LEU A 88 -24.16 -4.82 0.51
C LEU A 88 -24.51 -5.51 1.82
N SER A 89 -25.54 -5.06 2.52
CA SER A 89 -25.87 -5.72 3.79
C SER A 89 -26.98 -6.74 3.64
N GLY A 90 -26.76 -7.93 4.23
CA GLY A 90 -27.68 -9.09 4.24
C GLY A 90 -28.30 -9.32 5.62
N PHE A 91 -29.64 -9.22 5.67
CA PHE A 91 -30.58 -9.33 6.83
C PHE A 91 -30.65 -10.76 7.33
N ASN A 92 -30.48 -10.93 8.63
CA ASN A 92 -30.46 -12.28 9.24
C ASN A 92 -29.65 -13.31 8.44
N ASN A 93 -28.41 -12.97 8.11
CA ASN A 93 -27.51 -14.05 7.65
C ASN A 93 -26.77 -14.36 8.94
N ALA A 94 -27.37 -15.24 9.74
CA ALA A 94 -26.99 -15.59 11.12
C ALA A 94 -27.25 -14.32 11.92
N GLY A 95 -26.52 -13.25 11.59
CA GLY A 95 -26.76 -11.93 12.11
C GLY A 95 -26.96 -10.99 10.94
N ASN A 96 -26.50 -9.76 11.07
CA ASN A 96 -26.53 -8.82 9.97
C ASN A 96 -25.11 -8.44 9.60
N MET A 97 -24.73 -8.74 8.37
CA MET A 97 -23.35 -8.77 7.91
C MET A 97 -23.22 -7.97 6.63
N LEU A 98 -21.97 -7.76 6.20
CA LEU A 98 -21.67 -7.07 4.97
C LEU A 98 -21.02 -8.03 4.00
N THR A 99 -21.36 -7.91 2.72
CA THR A 99 -20.58 -8.49 1.64
C THR A 99 -19.87 -7.36 0.89
N PHE A 100 -18.56 -7.51 0.70
CA PHE A 100 -17.76 -6.52 -0.03
C PHE A 100 -17.49 -6.97 -1.45
N GLY A 101 -17.47 -6.00 -2.36
CA GLY A 101 -16.91 -6.21 -3.68
C GLY A 101 -15.40 -6.37 -3.62
N GLY A 102 -14.82 -6.66 -4.76
CA GLY A 102 -13.40 -6.95 -4.80
C GLY A 102 -12.48 -5.76 -4.78
N GLY A 103 -13.00 -4.54 -4.68
CA GLY A 103 -12.15 -3.37 -4.59
C GLY A 103 -11.80 -2.78 -5.94
N THR A 104 -11.61 -1.46 -5.96
CA THR A 104 -11.01 -0.75 -7.09
C THR A 104 -10.04 0.29 -6.56
N ARG A 105 -8.83 0.31 -7.12
CA ARG A 105 -7.87 1.38 -6.79
C ARG A 105 -8.10 2.55 -7.72
N LEU A 106 -8.25 3.74 -7.15
CA LEU A 106 -8.35 4.98 -7.91
C LEU A 106 -7.00 5.67 -7.84
N MET A 107 -6.47 6.02 -9.01
CA MET A 107 -5.21 6.77 -9.09
C MET A 107 -5.49 8.06 -9.89
N VAL A 108 -5.19 9.21 -9.31
CA VAL A 108 -5.48 10.50 -9.92
C VAL A 108 -4.15 11.12 -10.33
N LYS A 109 -3.93 11.27 -11.65
CA LYS A 109 -2.66 11.76 -12.18
C LYS A 109 -2.59 13.29 -12.13
N PRO A 110 -1.44 13.86 -11.80
CA PRO A 110 -1.32 15.31 -11.79
C PRO A 110 -1.27 15.86 -13.21
N ASN A 111 -1.64 17.13 -13.32
CA ASN A 111 -1.50 17.86 -14.59
C ASN A 111 -0.23 18.69 -14.46
N ILE A 112 0.83 18.26 -15.15
CA ILE A 112 2.15 18.86 -14.97
C ILE A 112 2.16 20.22 -15.67
N GLN A 113 2.43 21.29 -14.90
CA GLN A 113 2.30 22.64 -15.45
C GLN A 113 3.26 22.87 -16.62
N ASN A 114 4.53 22.48 -16.46
CA ASN A 114 5.52 22.68 -17.51
C ASN A 114 6.47 21.49 -17.59
N PRO A 115 6.16 20.51 -18.45
CA PRO A 115 7.06 19.34 -18.59
C PRO A 115 8.46 19.75 -19.00
N ASP A 116 9.43 19.12 -18.38
CA ASP A 116 10.84 19.43 -18.54
C ASP A 116 11.61 18.11 -18.47
N PRO A 117 11.29 17.12 -19.31
CA PRO A 117 11.79 15.75 -19.05
C PRO A 117 13.31 15.68 -19.16
N ALA A 118 13.90 14.86 -18.30
CA ALA A 118 15.36 14.75 -18.27
C ALA A 118 15.75 13.46 -17.57
N VAL A 119 16.95 12.99 -17.86
CA VAL A 119 17.53 11.83 -17.20
C VAL A 119 18.84 12.24 -16.55
N TYR A 120 18.88 12.18 -15.21
CA TYR A 120 20.06 12.57 -14.45
C TYR A 120 20.69 11.34 -13.82
N GLN A 121 21.98 11.44 -13.55
CA GLN A 121 22.73 10.38 -12.88
C GLN A 121 23.06 10.81 -11.46
N LEU A 122 22.75 9.96 -10.50
CA LEU A 122 22.99 10.21 -9.09
C LEU A 122 23.98 9.18 -8.56
N ARG A 123 24.93 9.64 -7.75
CA ARG A 123 25.99 8.79 -7.20
C ARG A 123 25.73 8.48 -5.74
N ASP A 124 26.05 7.25 -5.34
CA ASP A 124 25.88 6.75 -3.94
C ASP A 124 26.64 7.65 -2.99
N SER A 125 26.03 7.89 -1.84
CA SER A 125 26.61 8.73 -0.77
C SER A 125 27.77 7.99 -0.10
N LYS A 126 27.75 6.64 -0.12
CA LYS A 126 28.82 5.77 0.43
C LYS A 126 29.86 5.60 -0.68
N SER A 127 31.13 5.41 -0.36
CA SER A 127 32.20 5.30 -1.40
C SER A 127 32.28 3.95 -2.11
N SER A 128 31.24 3.73 -2.87
CA SER A 128 31.02 2.64 -3.82
C SER A 128 30.85 3.36 -5.15
N ASP A 129 31.10 2.71 -6.29
CA ASP A 129 30.77 3.51 -7.50
C ASP A 129 29.45 3.05 -8.11
N LYS A 130 28.45 2.92 -7.24
CA LYS A 130 27.06 2.57 -7.56
C LYS A 130 26.41 3.87 -7.96
N SER A 131 25.49 3.78 -8.90
CA SER A 131 24.76 4.98 -9.29
C SER A 131 23.36 4.58 -9.72
N VAL A 132 22.50 5.56 -9.80
CA VAL A 132 21.15 5.32 -10.30
C VAL A 132 20.84 6.39 -11.35
N CYS A 133 19.92 6.05 -12.24
CA CYS A 133 19.45 6.96 -13.27
C CYS A 133 18.05 7.44 -12.90
N LEU A 134 17.85 8.75 -12.90
CA LEU A 134 16.58 9.35 -12.51
C LEU A 134 15.94 10.00 -13.73
N PHE A 135 14.79 9.46 -14.15
CA PHE A 135 13.98 10.05 -15.22
C PHE A 135 12.88 10.88 -14.55
N THR A 136 12.84 12.18 -14.85
CA THR A 136 12.00 13.05 -14.05
C THR A 136 11.44 14.19 -14.89
N ASP A 137 10.36 14.78 -14.38
CA ASP A 137 9.76 16.01 -14.90
C ASP A 137 9.06 15.82 -16.24
N PHE A 138 8.69 14.59 -16.57
CA PHE A 138 7.97 14.30 -17.79
C PHE A 138 6.47 14.48 -17.59
N ASP A 139 5.79 14.69 -18.71
CA ASP A 139 4.34 14.83 -18.75
C ASP A 139 3.65 13.54 -18.31
N SER A 140 2.43 13.69 -17.81
CA SER A 140 1.61 12.51 -17.52
C SER A 140 1.18 11.80 -18.80
N GLN A 141 1.58 12.28 -19.98
CA GLN A 141 1.45 11.48 -21.19
C GLN A 141 2.38 10.28 -21.16
N THR A 142 3.57 10.44 -20.58
CA THR A 142 4.61 9.42 -20.66
C THR A 142 4.28 8.22 -19.76
N ASN A 143 4.37 7.02 -20.34
CA ASN A 143 4.32 5.78 -19.59
C ASN A 143 5.72 5.19 -19.52
N VAL A 144 6.08 4.66 -18.35
CA VAL A 144 7.36 4.05 -18.14
C VAL A 144 7.19 2.53 -18.21
N SER A 145 7.94 1.89 -19.12
CA SER A 145 7.84 0.45 -19.32
C SER A 145 8.86 -0.27 -18.45
N GLN A 146 8.47 -1.43 -17.93
CA GLN A 146 9.38 -2.20 -17.09
C GLN A 146 10.57 -2.71 -17.90
N SER A 147 11.64 -3.03 -17.19
CA SER A 147 12.84 -3.52 -17.84
C SER A 147 12.60 -4.89 -18.46
N LYS A 148 13.15 -5.11 -19.64
CA LYS A 148 13.17 -6.44 -20.21
C LYS A 148 14.44 -7.21 -19.88
N ASP A 149 15.52 -6.53 -19.47
CA ASP A 149 16.75 -7.20 -19.10
C ASP A 149 16.77 -7.53 -17.62
N SER A 150 17.19 -8.74 -17.29
CA SER A 150 17.04 -9.28 -15.94
C SER A 150 17.78 -8.44 -14.90
N ASP A 151 18.98 -7.95 -15.25
CA ASP A 151 19.82 -7.27 -14.28
C ASP A 151 19.75 -5.75 -14.40
N VAL A 152 18.72 -5.22 -15.05
CA VAL A 152 18.40 -3.80 -15.02
C VAL A 152 17.04 -3.65 -14.34
N TYR A 153 16.96 -2.77 -13.36
CA TYR A 153 15.75 -2.57 -12.59
C TYR A 153 15.19 -1.19 -12.88
N ILE A 154 13.91 -1.11 -13.21
CA ILE A 154 13.25 0.16 -13.49
C ILE A 154 11.95 0.20 -12.71
N THR A 155 11.76 1.26 -11.93
CA THR A 155 10.53 1.44 -11.17
C THR A 155 9.47 2.10 -12.03
N ASP A 156 8.22 2.00 -11.58
CA ASP A 156 7.16 2.73 -12.25
C ASP A 156 7.25 4.21 -11.88
N LYS A 157 6.46 5.02 -12.57
CA LYS A 157 6.44 6.46 -12.31
C LYS A 157 5.71 6.76 -11.01
N CYS A 158 6.10 7.86 -10.39
CA CYS A 158 5.74 8.19 -9.04
C CYS A 158 5.66 9.71 -8.99
N VAL A 159 4.60 10.28 -8.39
CA VAL A 159 4.45 11.74 -8.32
C VAL A 159 4.75 12.23 -6.92
N LEU A 160 5.60 13.26 -6.82
CA LEU A 160 5.87 13.91 -5.54
C LEU A 160 5.32 15.32 -5.59
N ASP A 161 5.01 15.85 -4.42
CA ASP A 161 4.38 17.16 -4.26
C ASP A 161 5.30 18.01 -3.39
N MET A 162 5.89 19.04 -3.98
CA MET A 162 6.66 20.02 -3.21
C MET A 162 5.72 21.16 -2.84
N ARG A 163 4.86 20.91 -1.85
CA ARG A 163 3.73 21.80 -1.62
C ARG A 163 4.18 23.17 -1.16
N SER A 164 5.32 23.26 -0.47
CA SER A 164 5.91 24.56 -0.20
C SER A 164 6.14 25.35 -1.48
N MET A 165 6.40 24.67 -2.59
CA MET A 165 6.69 25.31 -3.86
C MET A 165 5.51 25.32 -4.82
N ASP A 166 4.40 24.69 -4.45
CA ASP A 166 3.27 24.49 -5.34
C ASP A 166 3.74 23.85 -6.66
N PHE A 167 4.32 22.66 -6.51
CA PHE A 167 5.02 22.03 -7.63
C PHE A 167 4.94 20.52 -7.50
N LYS A 168 4.50 19.87 -8.57
CA LYS A 168 4.43 18.41 -8.62
C LYS A 168 5.28 17.89 -9.78
N SER A 169 5.84 16.70 -9.61
CA SER A 169 6.64 16.10 -10.68
C SER A 169 6.60 14.59 -10.60
N ASN A 170 6.59 13.97 -11.79
CA ASN A 170 6.72 12.53 -11.97
C ASN A 170 8.20 12.15 -12.01
N SER A 171 8.50 10.93 -11.57
CA SER A 171 9.84 10.39 -11.80
C SER A 171 9.82 8.87 -11.71
N ALA A 172 10.81 8.26 -12.34
CA ALA A 172 11.06 6.84 -12.27
C ALA A 172 12.56 6.64 -12.14
N VAL A 173 12.95 5.51 -11.56
CA VAL A 173 14.33 5.23 -11.23
C VAL A 173 14.78 3.97 -11.95
N ALA A 174 16.02 3.98 -12.44
CA ALA A 174 16.61 2.81 -13.10
C ALA A 174 18.01 2.59 -12.57
N TRP A 175 18.36 1.34 -12.31
CA TRP A 175 19.71 1.03 -11.87
C TRP A 175 20.08 -0.40 -12.30
N SER A 176 21.37 -0.69 -12.28
CA SER A 176 21.87 -1.99 -12.71
C SER A 176 23.27 -2.20 -12.16
N ASN A 177 23.61 -3.49 -11.96
CA ASN A 177 24.95 -3.88 -11.51
C ASN A 177 25.97 -3.87 -12.65
N LYS A 178 25.51 -3.87 -13.90
CA LYS A 178 26.40 -4.18 -15.02
C LYS A 178 27.41 -3.07 -15.28
N SER A 179 28.57 -3.50 -15.75
CA SER A 179 29.51 -2.60 -16.43
C SER A 179 28.81 -1.73 -17.45
N ASP A 180 27.98 -2.35 -18.30
CA ASP A 180 27.45 -1.83 -19.56
C ASP A 180 26.37 -0.75 -19.36
N PHE A 181 25.81 -0.64 -18.17
CA PHE A 181 24.61 0.16 -17.97
C PHE A 181 24.91 1.65 -17.97
N ALA A 182 24.17 2.39 -18.79
CA ALA A 182 24.33 3.84 -18.89
C ALA A 182 22.96 4.50 -18.92
N CYS A 183 22.89 5.70 -18.37
CA CYS A 183 21.62 6.43 -18.31
C CYS A 183 21.15 6.86 -19.70
N ALA A 184 22.09 7.10 -20.62
CA ALA A 184 21.65 7.38 -22.00
C ALA A 184 20.85 6.19 -22.49
N ASN A 185 21.07 5.00 -21.95
CA ASN A 185 20.31 3.87 -22.52
C ASN A 185 19.36 3.24 -21.51
N ALA A 186 19.34 3.75 -20.30
CA ALA A 186 18.52 3.14 -19.23
C ALA A 186 17.07 3.01 -19.64
N PHE A 187 16.49 4.06 -20.17
CA PHE A 187 15.03 3.99 -20.42
C PHE A 187 14.91 3.84 -21.95
N ASN A 188 15.08 2.70 -22.58
CA ASN A 188 14.77 2.58 -24.04
C ASN A 188 13.29 2.23 -24.22
N ASN A 189 12.46 3.08 -23.58
CA ASN A 189 10.99 3.08 -23.75
C ASN A 189 10.43 4.35 -24.40
N SER A 190 9.13 4.59 -24.41
CA SER A 190 8.66 5.75 -25.20
C SER A 190 8.93 7.07 -24.48
N ILE A 191 10.10 7.67 -24.68
CA ILE A 191 10.39 8.93 -23.94
C ILE A 191 10.35 10.12 -24.87
N ILE A 192 10.30 11.28 -24.28
CA ILE A 192 10.13 12.49 -25.11
C ILE A 192 11.35 12.76 -25.96
N PRO A 193 11.16 13.29 -27.17
CA PRO A 193 12.25 13.64 -28.05
C PRO A 193 13.01 14.85 -27.51
N GLU A 194 12.37 15.71 -26.74
CA GLU A 194 12.98 16.90 -26.08
C GLU A 194 13.72 16.53 -24.78
N ASP A 195 13.85 15.25 -24.46
CA ASP A 195 14.50 14.79 -23.23
C ASP A 195 15.94 15.24 -23.07
N THR A 196 16.25 15.83 -21.91
CA THR A 196 17.61 16.33 -21.63
C THR A 196 18.48 15.23 -21.07
N PHE A 197 19.60 14.98 -21.73
CA PHE A 197 20.59 14.09 -21.16
C PHE A 197 21.82 14.92 -20.76
N GLY B 1 -9.69 3.62 18.38
CA GLY B 1 -10.20 2.68 17.40
C GLY B 1 -10.01 1.22 17.77
N VAL B 2 -10.45 0.34 16.86
CA VAL B 2 -10.20 -1.09 17.05
C VAL B 2 -8.70 -1.36 17.02
N ALA B 3 -8.23 -2.25 17.90
CA ALA B 3 -6.83 -2.60 17.97
C ALA B 3 -6.60 -4.02 17.47
N GLN B 4 -5.48 -4.23 16.80
CA GLN B 4 -5.09 -5.57 16.38
C GLN B 4 -3.61 -5.76 16.61
N SER B 5 -3.23 -6.99 16.97
CA SER B 5 -1.83 -7.38 17.17
C SER B 5 -1.65 -8.80 16.66
N PRO B 6 -0.53 -9.12 16.00
CA PRO B 6 0.59 -8.26 15.64
C PRO B 6 0.27 -7.51 14.35
N ARG B 7 1.06 -6.51 13.99
CA ARG B 7 0.81 -5.83 12.72
C ARG B 7 1.29 -6.65 11.53
N TYR B 8 2.45 -7.28 11.66
CA TYR B 8 3.02 -8.18 10.66
C TYR B 8 3.46 -9.47 11.34
N LYS B 9 3.26 -10.61 10.67
CA LYS B 9 3.66 -11.89 11.21
C LYS B 9 4.14 -12.79 10.08
N ILE B 10 5.31 -13.40 10.26
CA ILE B 10 5.83 -14.42 9.35
C ILE B 10 5.79 -15.75 10.08
N ILE B 11 5.20 -16.76 9.43
CA ILE B 11 5.20 -18.12 9.96
C ILE B 11 5.55 -19.09 8.85
N GLU B 12 6.01 -20.28 9.23
CA GLU B 12 6.28 -21.36 8.27
C GLU B 12 5.03 -22.20 8.09
N LYS B 13 4.86 -22.74 6.88
CA LYS B 13 3.73 -23.63 6.66
C LYS B 13 3.71 -24.72 7.72
N ARG B 14 2.49 -25.12 8.11
CA ARG B 14 2.24 -26.14 9.13
C ARG B 14 2.46 -25.64 10.56
N GLN B 15 2.96 -24.42 10.74
CA GLN B 15 3.01 -23.84 12.08
C GLN B 15 1.64 -23.24 12.44
N SER B 16 1.48 -22.84 13.69
CA SER B 16 0.25 -22.22 14.15
C SER B 16 0.46 -20.73 14.38
N VAL B 17 -0.64 -19.97 14.32
CA VAL B 17 -0.57 -18.53 14.51
C VAL B 17 -1.88 -18.07 15.12
N ALA B 18 -1.78 -17.03 15.96
CA ALA B 18 -2.92 -16.42 16.64
C ALA B 18 -2.91 -14.92 16.41
N PHE B 19 -4.10 -14.36 16.19
CA PHE B 19 -4.28 -12.92 16.04
C PHE B 19 -5.20 -12.39 17.13
N TRP B 20 -4.96 -11.16 17.55
CA TRP B 20 -5.70 -10.55 18.65
C TRP B 20 -6.44 -9.31 18.16
N CYS B 21 -7.66 -9.11 18.68
CA CYS B 21 -8.48 -7.96 18.30
C CYS B 21 -9.17 -7.39 19.54
N ASN B 22 -9.12 -6.07 19.69
CA ASN B 22 -9.86 -5.40 20.77
C ASN B 22 -10.87 -4.44 20.15
N PRO B 23 -12.16 -4.69 20.28
CA PRO B 23 -13.17 -3.89 19.59
C PRO B 23 -13.38 -2.56 20.29
N ILE B 24 -14.21 -1.72 19.67
CA ILE B 24 -14.60 -0.46 20.30
C ILE B 24 -15.35 -0.77 21.59
N SER B 25 -15.01 -0.07 22.67
CA SER B 25 -15.66 -0.25 23.96
C SER B 25 -17.18 -0.28 23.81
N GLY B 26 -17.78 -1.39 24.24
CA GLY B 26 -19.22 -1.49 24.20
C GLY B 26 -19.81 -1.96 22.90
N HIS B 27 -19.01 -2.36 21.93
CA HIS B 27 -19.55 -2.85 20.67
C HIS B 27 -19.92 -4.32 20.80
N ALA B 28 -21.19 -4.65 20.61
CA ALA B 28 -21.67 -6.01 20.82
C ALA B 28 -21.30 -6.95 19.68
N THR B 29 -21.03 -6.44 18.48
CA THR B 29 -20.75 -7.27 17.32
C THR B 29 -19.26 -7.19 16.98
N LEU B 30 -18.66 -8.34 16.69
CA LEU B 30 -17.26 -8.40 16.30
C LEU B 30 -17.11 -9.29 15.09
N TYR B 31 -16.31 -8.85 14.13
CA TYR B 31 -16.15 -9.52 12.84
C TYR B 31 -14.69 -9.81 12.61
N TRP B 32 -14.40 -10.98 12.01
CA TRP B 32 -13.09 -11.32 11.49
C TRP B 32 -13.23 -11.52 9.99
N TYR B 33 -12.33 -10.89 9.23
CA TYR B 33 -12.33 -10.98 7.78
C TYR B 33 -10.95 -11.42 7.32
N GLN B 34 -10.92 -12.16 6.22
CA GLN B 34 -9.71 -12.43 5.47
C GLN B 34 -9.73 -11.60 4.21
N GLN B 35 -8.62 -10.94 3.89
CA GLN B 35 -8.53 -10.16 2.66
C GLN B 35 -7.29 -10.61 1.89
N ILE B 36 -7.51 -11.37 0.82
CA ILE B 36 -6.42 -11.76 -0.08
C ILE B 36 -6.02 -10.57 -0.93
N LEU B 37 -4.73 -10.46 -1.20
CA LEU B 37 -4.22 -9.39 -2.06
C LEU B 37 -5.05 -9.27 -3.33
N GLY B 38 -5.44 -8.04 -3.67
CA GLY B 38 -6.23 -7.75 -4.86
C GLY B 38 -7.69 -8.15 -4.78
N GLN B 39 -8.18 -8.51 -3.60
CA GLN B 39 -9.57 -8.89 -3.35
C GLN B 39 -10.13 -7.97 -2.27
N GLY B 40 -11.40 -8.20 -1.93
CA GLY B 40 -12.06 -7.46 -0.87
C GLY B 40 -12.10 -8.32 0.38
N PRO B 41 -12.44 -7.74 1.52
CA PRO B 41 -12.56 -8.55 2.74
C PRO B 41 -13.69 -9.57 2.59
N LYS B 42 -13.46 -10.78 3.11
CA LYS B 42 -14.46 -11.84 3.10
C LYS B 42 -14.63 -12.33 4.53
N LEU B 43 -15.88 -12.38 5.00
CA LEU B 43 -16.14 -12.65 6.41
C LEU B 43 -15.67 -14.05 6.77
N LEU B 44 -14.95 -14.16 7.88
CA LEU B 44 -14.62 -15.47 8.42
C LEU B 44 -15.61 -15.87 9.51
N ILE B 45 -15.79 -15.03 10.52
CA ILE B 45 -16.68 -15.34 11.63
C ILE B 45 -17.17 -14.03 12.21
N GLN B 46 -18.40 -14.06 12.73
CA GLN B 46 -18.99 -12.90 13.38
C GLN B 46 -19.52 -13.32 14.76
N PHE B 47 -19.32 -12.46 15.76
CA PHE B 47 -19.77 -12.69 17.12
C PHE B 47 -20.85 -11.67 17.47
N GLN B 48 -21.85 -12.10 18.23
CA GLN B 48 -22.73 -11.19 18.97
C GLN B 48 -22.55 -11.51 20.45
N ASN B 49 -21.97 -10.57 21.19
CA ASN B 49 -21.48 -10.81 22.56
C ASN B 49 -20.48 -11.98 22.47
N ASN B 50 -20.59 -13.01 23.31
CA ASN B 50 -19.63 -14.12 23.26
C ASN B 50 -20.11 -15.29 22.39
N GLY B 51 -21.18 -15.11 21.64
CA GLY B 51 -21.78 -16.19 20.86
C GLY B 51 -21.50 -16.06 19.37
N VAL B 52 -21.18 -17.19 18.75
CA VAL B 52 -20.94 -17.20 17.30
C VAL B 52 -22.27 -17.03 16.59
N VAL B 53 -22.37 -15.97 15.79
CA VAL B 53 -23.58 -15.72 15.02
C VAL B 53 -23.46 -16.30 13.62
N ASP B 54 -22.31 -16.16 12.96
CA ASP B 54 -22.09 -16.68 11.62
C ASP B 54 -20.68 -17.25 11.55
N ASP B 55 -20.57 -18.58 11.38
CA ASP B 55 -19.27 -19.21 11.14
C ASP B 55 -19.30 -20.11 9.91
N SER B 56 -20.32 -19.96 9.06
CA SER B 56 -20.49 -20.84 7.91
C SER B 56 -19.28 -20.80 6.99
N GLN B 57 -18.67 -19.62 6.83
CA GLN B 57 -17.53 -19.49 5.94
C GLN B 57 -16.19 -19.67 6.64
N LEU B 58 -16.20 -20.07 7.89
CA LEU B 58 -14.95 -20.37 8.59
C LEU B 58 -14.37 -21.67 8.05
N PRO B 59 -13.12 -21.69 7.56
CA PRO B 59 -12.48 -22.96 7.23
C PRO B 59 -12.20 -23.80 8.47
N LYS B 60 -13.20 -24.58 8.91
CA LYS B 60 -13.20 -25.14 10.26
C LYS B 60 -12.14 -26.21 10.49
N ASP B 61 -11.55 -26.78 9.43
CA ASP B 61 -10.51 -27.77 9.67
C ASP B 61 -9.24 -27.14 10.27
N ARG B 62 -9.01 -25.84 10.04
CA ARG B 62 -7.79 -25.19 10.50
C ARG B 62 -8.00 -23.84 11.17
N PHE B 63 -9.16 -23.20 11.01
CA PHE B 63 -9.42 -21.87 11.57
C PHE B 63 -10.36 -21.99 12.76
N SER B 64 -10.09 -21.19 13.79
CA SER B 64 -11.03 -21.10 14.90
C SER B 64 -10.89 -19.73 15.54
N ALA B 65 -11.91 -19.35 16.29
CA ALA B 65 -11.93 -18.04 16.93
C ALA B 65 -12.71 -18.14 18.23
N GLU B 66 -12.34 -17.28 19.18
CA GLU B 66 -13.03 -17.17 20.46
C GLU B 66 -13.17 -15.70 20.83
N ARG B 67 -14.22 -15.40 21.59
CA ARG B 67 -14.45 -14.09 22.21
C ARG B 67 -15.17 -14.37 23.53
N LEU B 68 -14.41 -14.88 24.51
CA LEU B 68 -15.03 -15.63 25.59
C LEU B 68 -15.75 -14.73 26.59
N LYS B 69 -15.35 -13.46 26.70
CA LYS B 69 -16.05 -12.51 27.56
C LYS B 69 -16.72 -11.39 26.76
N GLY B 70 -17.06 -11.64 25.50
CA GLY B 70 -17.82 -10.68 24.73
C GLY B 70 -17.11 -9.39 24.42
N VAL B 71 -15.79 -9.33 24.61
CA VAL B 71 -15.01 -8.13 24.31
C VAL B 71 -13.93 -8.49 23.30
N ASP B 72 -12.70 -8.74 23.77
CA ASP B 72 -11.62 -8.98 22.82
C ASP B 72 -11.67 -10.42 22.31
N SER B 73 -11.04 -10.63 21.16
CA SER B 73 -11.23 -11.87 20.44
C SER B 73 -9.90 -12.32 19.87
N THR B 74 -9.74 -13.64 19.76
CA THR B 74 -8.55 -14.26 19.21
C THR B 74 -8.95 -15.15 18.06
N LEU B 75 -8.26 -15.02 16.94
CA LEU B 75 -8.42 -15.90 15.79
C LEU B 75 -7.13 -16.70 15.63
N LYS B 76 -7.26 -18.01 15.40
CA LYS B 76 -6.06 -18.83 15.26
C LYS B 76 -6.17 -19.75 14.05
N ILE B 77 -5.03 -19.97 13.40
CA ILE B 77 -4.90 -20.90 12.29
C ILE B 77 -3.95 -22.00 12.71
N GLN B 78 -4.42 -23.25 12.65
CA GLN B 78 -3.68 -24.42 13.11
C GLN B 78 -4.07 -25.64 12.28
N PRO B 79 -3.21 -26.11 11.37
CA PRO B 79 -1.94 -25.50 10.98
C PRO B 79 -2.14 -24.54 9.81
N ALA B 80 -1.19 -23.64 9.60
CA ALA B 80 -1.27 -22.69 8.49
C ALA B 80 -0.82 -23.32 7.18
N LYS B 81 -1.42 -22.84 6.10
CA LYS B 81 -1.04 -23.23 4.75
C LYS B 81 -0.53 -21.99 4.01
N LEU B 82 0.23 -22.24 2.94
CA LEU B 82 0.72 -21.12 2.14
C LEU B 82 -0.41 -20.20 1.69
N GLU B 83 -1.56 -20.79 1.35
CA GLU B 83 -2.69 -20.01 0.84
C GLU B 83 -3.33 -19.11 1.88
N ASP B 84 -2.93 -19.23 3.16
CA ASP B 84 -3.47 -18.38 4.21
C ASP B 84 -2.81 -17.00 4.26
N SER B 85 -1.77 -16.79 3.46
CA SER B 85 -1.12 -15.48 3.37
C SER B 85 -2.14 -14.44 2.95
N ALA B 86 -2.35 -13.43 3.82
CA ALA B 86 -3.43 -12.46 3.63
C ALA B 86 -3.37 -11.37 4.69
N VAL B 87 -4.22 -10.35 4.60
CA VAL B 87 -4.45 -9.43 5.71
C VAL B 87 -5.66 -9.94 6.48
N TYR B 88 -5.53 -10.05 7.79
CA TYR B 88 -6.63 -10.46 8.68
C TYR B 88 -7.15 -9.21 9.37
N LEU B 89 -8.37 -8.85 9.01
CA LEU B 89 -9.04 -7.63 9.50
C LEU B 89 -10.07 -7.96 10.57
N CYS B 90 -10.05 -7.16 11.62
CA CYS B 90 -11.04 -7.23 12.69
C CYS B 90 -11.92 -5.98 12.61
N ALA B 91 -13.20 -6.09 12.92
CA ALA B 91 -14.08 -4.91 12.95
C ALA B 91 -15.10 -5.05 14.07
N SER B 92 -15.72 -3.96 14.49
CA SER B 92 -16.79 -4.04 15.47
C SER B 92 -17.87 -3.05 15.09
N SER B 93 -19.09 -3.34 15.53
CA SER B 93 -20.21 -2.44 15.33
C SER B 93 -21.08 -2.53 16.57
N LEU B 94 -21.95 -1.51 16.74
CA LEU B 94 -22.67 -1.37 18.00
C LEU B 94 -23.49 -2.61 18.32
N GLY B 95 -24.16 -3.18 17.32
CA GLY B 95 -24.94 -4.37 17.53
C GLY B 95 -26.35 -4.10 18.00
N GLY B 96 -26.87 -2.89 17.72
CA GLY B 96 -28.21 -2.55 18.09
C GLY B 96 -29.26 -3.19 17.19
N ALA B 97 -30.50 -3.17 17.67
CA ALA B 97 -31.59 -3.92 17.06
C ALA B 97 -32.29 -3.09 15.97
N GLY B 98 -31.52 -2.78 14.93
CA GLY B 98 -32.09 -2.08 13.79
C GLY B 98 -31.63 -2.65 12.47
N GLY B 99 -30.91 -1.83 11.71
CA GLY B 99 -30.35 -2.27 10.45
C GLY B 99 -28.86 -2.51 10.53
N ALA B 100 -28.19 -2.43 9.38
CA ALA B 100 -26.74 -2.60 9.32
C ALA B 100 -26.07 -1.33 9.83
N ASP B 101 -25.43 -1.41 10.99
CA ASP B 101 -24.70 -0.29 11.54
C ASP B 101 -23.32 -0.19 10.92
N THR B 102 -22.71 0.97 11.07
CA THR B 102 -21.37 1.22 10.57
C THR B 102 -20.37 0.28 11.22
N GLN B 103 -19.54 -0.36 10.40
CA GLN B 103 -18.49 -1.24 10.89
C GLN B 103 -17.21 -0.44 11.02
N TYR B 104 -16.52 -0.61 12.14
CA TYR B 104 -15.27 0.09 12.41
C TYR B 104 -14.13 -0.91 12.39
N PHE B 105 -13.14 -0.66 11.54
CA PHE B 105 -12.10 -1.66 11.28
C PHE B 105 -10.83 -1.39 12.07
N GLY B 106 -10.18 -2.48 12.47
CA GLY B 106 -8.82 -2.44 12.94
C GLY B 106 -7.85 -2.23 11.80
N PRO B 107 -6.57 -2.07 12.17
CA PRO B 107 -5.53 -1.80 11.17
C PRO B 107 -5.07 -3.02 10.43
N GLY B 108 -5.52 -4.20 10.83
CA GLY B 108 -5.20 -5.46 10.16
C GLY B 108 -3.92 -6.10 10.67
N THR B 109 -3.86 -7.42 10.52
CA THR B 109 -2.65 -8.19 10.69
C THR B 109 -2.24 -8.73 9.33
N ARG B 110 -1.04 -8.40 8.88
CA ARG B 110 -0.48 -8.94 7.64
C ARG B 110 0.22 -10.26 7.96
N LEU B 111 -0.28 -11.36 7.41
CA LEU B 111 0.30 -12.68 7.61
C LEU B 111 0.99 -13.14 6.32
N THR B 112 2.26 -13.51 6.42
CA THR B 112 2.98 -14.13 5.31
C THR B 112 3.41 -15.52 5.72
N VAL B 113 2.93 -16.54 5.02
CA VAL B 113 3.27 -17.94 5.31
C VAL B 113 4.31 -18.37 4.28
N LEU B 114 5.44 -18.87 4.75
CA LEU B 114 6.57 -19.18 3.90
C LEU B 114 6.87 -20.67 3.98
N GLU B 115 7.52 -21.18 2.94
CA GLU B 115 7.99 -22.57 3.00
C GLU B 115 9.20 -22.71 3.89
N ASP B 116 10.08 -21.71 3.89
CA ASP B 116 11.40 -21.81 4.48
C ASP B 116 11.77 -20.47 5.09
N LEU B 117 11.83 -20.41 6.43
CA LEU B 117 12.20 -19.15 7.08
C LEU B 117 13.63 -18.72 6.75
N LYS B 118 14.45 -19.62 6.19
CA LYS B 118 15.77 -19.23 5.76
C LYS B 118 15.75 -18.32 4.53
N ASN B 119 14.59 -18.10 3.93
CA ASN B 119 14.46 -17.18 2.81
C ASN B 119 14.21 -15.73 3.25
N VAL B 120 14.19 -15.45 4.55
CA VAL B 120 13.86 -14.12 5.07
C VAL B 120 15.14 -13.27 5.14
N PHE B 121 15.12 -12.10 4.50
CA PHE B 121 16.27 -11.20 4.54
C PHE B 121 15.84 -9.78 4.84
N PRO B 122 16.61 -9.05 5.64
CA PRO B 122 16.34 -7.63 5.84
C PRO B 122 16.85 -6.85 4.64
N PRO B 123 16.41 -5.60 4.48
CA PRO B 123 16.91 -4.78 3.37
C PRO B 123 18.28 -4.20 3.66
N GLU B 124 19.01 -3.94 2.58
CA GLU B 124 20.12 -2.99 2.58
C GLU B 124 19.62 -1.69 1.98
N VAL B 125 20.10 -0.56 2.51
CA VAL B 125 19.58 0.75 2.15
C VAL B 125 20.75 1.63 1.71
N ALA B 126 20.57 2.35 0.60
CA ALA B 126 21.57 3.28 0.10
C ALA B 126 20.88 4.56 -0.35
N VAL B 127 21.51 5.70 -0.09
CA VAL B 127 21.01 7.00 -0.52
C VAL B 127 21.93 7.53 -1.60
N PHE B 128 21.34 8.06 -2.66
CA PHE B 128 22.07 8.59 -3.80
C PHE B 128 21.89 10.10 -3.87
N GLU B 129 23.01 10.83 -3.96
CA GLU B 129 23.04 12.27 -3.83
C GLU B 129 22.54 12.95 -5.10
N PRO B 130 21.96 14.15 -4.97
CA PRO B 130 21.42 14.85 -6.15
C PRO B 130 22.47 15.10 -7.22
N SER B 131 22.00 15.14 -8.46
CA SER B 131 22.86 15.38 -9.61
C SER B 131 23.17 16.85 -9.73
N GLU B 132 24.44 17.18 -10.00
CA GLU B 132 24.79 18.58 -10.26
C GLU B 132 24.04 19.12 -11.47
N ALA B 133 23.81 18.27 -12.47
CA ALA B 133 23.07 18.71 -13.66
C ALA B 133 21.64 19.10 -13.30
N GLU B 134 20.99 18.33 -12.42
CA GLU B 134 19.64 18.69 -11.99
C GLU B 134 19.64 20.02 -11.25
N ILE B 135 20.57 20.19 -10.31
CA ILE B 135 20.65 21.42 -9.53
C ILE B 135 20.74 22.62 -10.46
N SER B 136 21.66 22.57 -11.44
CA SER B 136 21.83 23.67 -12.37
C SER B 136 20.59 23.90 -13.22
N HIS B 137 19.97 22.82 -13.72
CA HIS B 137 18.92 22.95 -14.73
C HIS B 137 17.58 23.36 -14.14
N THR B 138 17.28 22.96 -12.90
CA THR B 138 15.96 23.14 -12.31
C THR B 138 15.96 23.92 -11.01
N GLN B 139 17.12 24.18 -10.41
CA GLN B 139 17.23 24.77 -9.07
C GLN B 139 16.53 23.89 -8.04
N LYS B 140 16.48 22.58 -8.31
CA LYS B 140 15.90 21.59 -7.41
C LYS B 140 16.88 20.44 -7.31
N ALA B 141 16.73 19.64 -6.25
CA ALA B 141 17.68 18.58 -5.94
C ALA B 141 16.92 17.35 -5.45
N THR B 142 17.01 16.25 -6.20
CA THR B 142 16.30 15.01 -5.88
C THR B 142 17.28 14.02 -5.26
N LEU B 143 16.97 13.54 -4.06
CA LEU B 143 17.67 12.40 -3.48
C LEU B 143 16.87 11.15 -3.79
N VAL B 144 17.58 10.04 -4.03
CA VAL B 144 16.95 8.74 -4.23
C VAL B 144 17.43 7.78 -3.16
N CYS B 145 16.50 7.01 -2.60
CA CYS B 145 16.80 5.92 -1.68
C CYS B 145 16.44 4.59 -2.32
N LEU B 146 17.34 3.60 -2.20
CA LEU B 146 17.08 2.25 -2.67
C LEU B 146 17.13 1.31 -1.49
N ALA B 147 16.04 0.55 -1.28
CA ALA B 147 16.03 -0.57 -0.36
C ALA B 147 16.04 -1.84 -1.21
N THR B 148 16.97 -2.74 -0.93
CA THR B 148 17.19 -3.88 -1.82
C THR B 148 17.40 -5.16 -1.02
N GLY B 149 17.09 -6.27 -1.68
CA GLY B 149 17.40 -7.59 -1.16
C GLY B 149 16.55 -8.05 0.01
N PHE B 150 15.37 -7.48 0.22
CA PHE B 150 14.56 -7.88 1.36
C PHE B 150 13.51 -8.91 0.95
N TYR B 151 13.19 -9.77 1.91
CA TYR B 151 12.12 -10.73 1.76
C TYR B 151 11.62 -11.12 3.13
N PRO B 152 10.29 -11.22 3.33
CA PRO B 152 9.22 -10.93 2.38
C PRO B 152 8.97 -9.42 2.26
N ASP B 153 7.92 -9.03 1.52
CA ASP B 153 7.61 -7.61 1.30
C ASP B 153 6.93 -7.03 2.54
N HIS B 154 7.73 -6.81 3.57
CA HIS B 154 7.29 -6.29 4.87
C HIS B 154 8.09 -5.03 5.18
N VAL B 155 7.94 -3.95 4.41
CA VAL B 155 8.77 -2.77 4.67
C VAL B 155 7.93 -1.50 4.73
N GLU B 156 8.40 -0.56 5.54
CA GLU B 156 7.86 0.78 5.59
C GLU B 156 9.04 1.75 5.44
N LEU B 157 9.02 2.54 4.37
CA LEU B 157 10.10 3.49 4.10
C LEU B 157 9.69 4.92 4.47
N SER B 158 10.58 5.64 5.13
CA SER B 158 10.30 7.05 5.45
C SER B 158 11.56 7.87 5.27
N TRP B 159 11.37 9.19 5.10
CA TRP B 159 12.48 10.13 4.97
C TRP B 159 12.53 11.07 6.17
N TRP B 160 13.75 11.37 6.63
CA TRP B 160 13.98 12.18 7.82
C TRP B 160 14.97 13.29 7.47
N VAL B 161 14.58 14.53 7.71
CA VAL B 161 15.43 15.67 7.41
C VAL B 161 15.72 16.41 8.71
N ASN B 162 17.01 16.53 9.05
CA ASN B 162 17.44 17.10 10.32
C ASN B 162 16.72 16.43 11.49
N GLY B 163 16.48 15.13 11.36
CA GLY B 163 15.89 14.33 12.43
C GLY B 163 14.38 14.38 12.53
N LYS B 164 13.74 15.03 11.59
CA LYS B 164 12.27 15.07 11.59
C LYS B 164 11.77 14.37 10.34
N GLU B 165 10.77 13.50 10.48
CA GLU B 165 10.20 12.84 9.31
C GLU B 165 9.55 13.90 8.42
N VAL B 166 9.70 13.74 7.12
CA VAL B 166 9.09 14.65 6.16
C VAL B 166 8.20 13.87 5.20
N HIS B 167 7.16 14.54 4.72
CA HIS B 167 6.25 13.96 3.73
C HIS B 167 6.18 14.77 2.45
N SER B 168 6.27 16.09 2.52
CA SER B 168 6.27 16.90 1.31
C SER B 168 7.53 16.61 0.50
N GLY B 169 7.40 16.60 -0.82
CA GLY B 169 8.51 16.31 -1.71
C GLY B 169 8.91 14.85 -1.81
N VAL B 170 8.10 13.93 -1.31
CA VAL B 170 8.50 12.50 -1.29
C VAL B 170 7.57 11.66 -2.14
N CYS B 171 8.11 10.67 -2.83
CA CYS B 171 7.29 9.65 -3.49
C CYS B 171 7.96 8.28 -3.30
N THR B 172 7.26 7.29 -2.75
CA THR B 172 7.80 5.94 -2.63
C THR B 172 7.01 5.03 -3.54
N ASP B 173 7.68 4.06 -4.17
CA ASP B 173 6.98 3.14 -5.05
C ASP B 173 5.84 2.44 -4.28
N PRO B 174 4.63 2.38 -4.84
CA PRO B 174 3.57 1.62 -4.16
C PRO B 174 3.84 0.12 -4.13
N GLN B 175 4.57 -0.42 -5.10
CA GLN B 175 4.90 -1.83 -5.14
C GLN B 175 6.41 -2.00 -5.25
N PRO B 176 6.98 -2.98 -4.55
CA PRO B 176 8.37 -3.35 -4.81
C PRO B 176 8.47 -4.12 -6.12
N LEU B 177 9.67 -4.15 -6.67
CA LEU B 177 9.89 -5.06 -7.78
C LEU B 177 10.71 -6.26 -7.30
N LYS B 178 10.61 -7.34 -8.07
CA LYS B 178 11.35 -8.56 -7.78
C LYS B 178 12.75 -8.43 -8.37
N GLU B 179 13.77 -8.73 -7.56
CA GLU B 179 15.13 -8.70 -8.06
C GLU B 179 15.39 -9.83 -9.05
N GLN B 180 14.62 -10.92 -8.97
CA GLN B 180 14.74 -12.04 -9.90
C GLN B 180 13.34 -12.54 -10.23
N PRO B 181 12.69 -11.95 -11.22
CA PRO B 181 11.25 -12.18 -11.41
C PRO B 181 10.89 -13.62 -11.72
N ALA B 182 11.82 -14.38 -12.32
CA ALA B 182 11.59 -15.80 -12.60
C ALA B 182 12.03 -16.66 -11.40
N LEU B 183 11.36 -16.40 -10.28
CA LEU B 183 11.66 -17.05 -9.01
C LEU B 183 10.60 -16.65 -8.00
N ASN B 184 9.98 -17.63 -7.33
CA ASN B 184 8.92 -17.33 -6.38
C ASN B 184 9.44 -17.21 -4.95
N ASP B 185 10.75 -17.18 -4.76
CA ASP B 185 11.37 -16.77 -3.50
C ASP B 185 12.12 -15.45 -3.67
N SER B 186 11.90 -14.75 -4.78
CA SER B 186 12.75 -13.64 -5.17
C SER B 186 12.73 -12.54 -4.13
N ARG B 187 13.91 -12.00 -3.82
CA ARG B 187 13.98 -10.85 -2.94
C ARG B 187 13.51 -9.60 -3.70
N TYR B 188 13.34 -8.51 -2.95
CA TYR B 188 12.64 -7.34 -3.46
C TYR B 188 13.53 -6.11 -3.37
N ALA B 189 13.25 -5.14 -4.24
CA ALA B 189 13.85 -3.83 -4.14
C ALA B 189 12.74 -2.78 -4.23
N LEU B 190 13.02 -1.60 -3.69
CA LEU B 190 12.03 -0.55 -3.59
C LEU B 190 12.75 0.79 -3.67
N SER B 191 12.17 1.78 -4.34
CA SER B 191 12.81 3.08 -4.46
C SER B 191 11.91 4.20 -3.95
N SER B 192 12.54 5.29 -3.53
CA SER B 192 11.80 6.46 -3.07
C SER B 192 12.62 7.67 -3.47
N ARG B 193 11.93 8.79 -3.67
CA ARG B 193 12.60 10.06 -3.96
C ARG B 193 12.22 11.09 -2.93
N LEU B 194 13.17 11.98 -2.61
CA LEU B 194 12.94 13.18 -1.83
C LEU B 194 13.53 14.35 -2.62
N ARG B 195 12.71 15.34 -2.93
CA ARG B 195 13.14 16.49 -3.71
C ARG B 195 13.05 17.73 -2.85
N VAL B 196 14.16 18.48 -2.79
CA VAL B 196 14.24 19.73 -2.05
C VAL B 196 14.74 20.81 -3.01
N SER B 197 14.68 22.06 -2.56
CA SER B 197 15.28 23.14 -3.34
C SER B 197 16.80 22.96 -3.41
N ALA B 198 17.41 23.51 -4.46
CA ALA B 198 18.86 23.38 -4.60
C ALA B 198 19.59 24.05 -3.45
N THR B 199 19.05 25.16 -2.94
CA THR B 199 19.71 25.84 -1.84
C THR B 199 19.60 25.03 -0.55
N PHE B 200 18.50 24.29 -0.37
CA PHE B 200 18.38 23.48 0.83
C PHE B 200 19.41 22.36 0.83
N TRP B 201 19.56 21.69 -0.32
CA TRP B 201 20.58 20.68 -0.44
C TRP B 201 21.98 21.27 -0.32
N GLN B 202 22.18 22.48 -0.82
CA GLN B 202 23.50 23.09 -0.83
C GLN B 202 23.98 23.50 0.57
N ASN B 203 23.06 23.70 1.51
CA ASN B 203 23.41 24.01 2.90
C ASN B 203 24.09 22.82 3.56
N PRO B 204 25.36 22.93 3.98
CA PRO B 204 26.06 21.78 4.56
C PRO B 204 25.60 21.39 5.95
N ARG B 205 24.64 22.10 6.57
CA ARG B 205 24.20 21.72 7.90
C ARG B 205 23.01 20.77 7.88
N ASN B 206 22.36 20.62 6.74
CA ASN B 206 21.16 19.81 6.61
C ASN B 206 21.50 18.33 6.50
N HIS B 207 20.73 17.51 7.22
CA HIS B 207 20.95 16.08 7.28
C HIS B 207 19.76 15.36 6.64
N PHE B 208 20.05 14.36 5.81
CA PHE B 208 19.03 13.64 5.08
C PHE B 208 19.16 12.16 5.37
N ARG B 209 18.09 11.52 5.85
CA ARG B 209 18.14 10.09 6.15
C ARG B 209 16.94 9.36 5.54
N CYS B 210 17.21 8.27 4.84
CA CYS B 210 16.18 7.33 4.42
C CYS B 210 16.14 6.20 5.43
N GLN B 211 14.95 5.94 5.99
CA GLN B 211 14.76 4.88 6.97
C GLN B 211 13.85 3.78 6.40
N VAL B 212 14.24 2.53 6.60
CA VAL B 212 13.40 1.39 6.21
C VAL B 212 13.16 0.53 7.44
N GLN B 213 11.93 0.54 7.94
CA GLN B 213 11.46 -0.41 8.94
C GLN B 213 11.13 -1.75 8.28
N PHE B 214 11.80 -2.82 8.69
CA PHE B 214 11.53 -4.17 8.20
C PHE B 214 10.86 -4.97 9.30
N TYR B 215 9.88 -5.77 8.95
CA TYR B 215 9.23 -6.67 9.91
C TYR B 215 9.62 -8.09 9.52
N GLY B 216 10.37 -8.75 10.39
CA GLY B 216 10.86 -10.07 10.04
C GLY B 216 10.45 -11.12 11.04
N LEU B 217 11.40 -11.95 11.44
CA LEU B 217 11.14 -13.00 12.40
C LEU B 217 11.02 -12.42 13.80
N SER B 218 10.40 -13.20 14.68
CA SER B 218 10.15 -12.78 16.05
C SER B 218 11.24 -13.33 16.97
N GLU B 219 11.25 -12.83 18.20
CA GLU B 219 12.22 -13.32 19.19
C GLU B 219 12.15 -14.82 19.33
N ASN B 220 10.94 -15.39 19.33
CA ASN B 220 10.76 -16.81 19.61
C ASN B 220 10.95 -17.71 18.40
N ASP B 221 11.32 -17.17 17.24
CA ASP B 221 11.63 -18.01 16.08
C ASP B 221 13.03 -18.61 16.21
N GLU B 222 13.16 -19.88 15.83
CA GLU B 222 14.45 -20.56 15.84
C GLU B 222 15.34 -20.04 14.71
N TRP B 223 16.63 -19.96 14.99
CA TRP B 223 17.60 -19.52 13.97
C TRP B 223 18.95 -20.17 14.26
N THR B 224 19.41 -21.02 13.36
CA THR B 224 20.71 -21.66 13.50
C THR B 224 21.66 -21.34 12.35
N GLN B 225 21.29 -20.40 11.48
CA GLN B 225 22.14 -20.09 10.35
C GLN B 225 23.29 -19.18 10.78
N ASP B 226 24.27 -19.05 9.90
CA ASP B 226 25.45 -18.25 10.22
C ASP B 226 25.15 -16.75 10.20
N ARG B 227 24.44 -16.26 9.19
CA ARG B 227 24.17 -14.84 9.14
C ARG B 227 23.23 -14.44 10.28
N ALA B 228 23.18 -13.13 10.53
CA ALA B 228 22.38 -12.61 11.63
C ALA B 228 20.91 -12.98 11.44
N LYS B 229 20.24 -13.28 12.55
CA LYS B 229 18.82 -13.58 12.51
C LYS B 229 18.08 -12.41 11.87
N PRO B 230 17.22 -12.66 10.88
CA PRO B 230 16.55 -11.52 10.20
C PRO B 230 15.33 -11.06 10.97
N VAL B 231 15.57 -10.41 12.10
CA VAL B 231 14.52 -9.89 12.98
C VAL B 231 13.94 -8.59 12.43
N THR B 232 12.78 -8.21 12.94
CA THR B 232 12.26 -6.85 12.79
C THR B 232 13.31 -5.82 13.21
N GLN B 233 13.52 -4.82 12.35
CA GLN B 233 14.66 -3.92 12.56
C GLN B 233 14.56 -2.75 11.61
N ILE B 234 15.27 -1.67 11.94
CA ILE B 234 15.38 -0.49 11.10
C ILE B 234 16.74 -0.50 10.43
N VAL B 235 16.78 -0.23 9.13
CA VAL B 235 18.01 -0.06 8.38
C VAL B 235 17.93 1.30 7.70
N SER B 236 18.96 2.13 7.84
CA SER B 236 18.93 3.49 7.30
C SER B 236 20.21 3.79 6.52
N ALA B 237 20.10 4.78 5.64
CA ALA B 237 21.25 5.40 4.97
C ALA B 237 21.10 6.91 5.04
N GLU B 238 22.23 7.63 4.96
CA GLU B 238 22.20 9.06 5.22
C GLU B 238 23.07 9.81 4.21
N ALA B 239 22.81 11.11 4.12
CA ALA B 239 23.60 12.00 3.28
C ALA B 239 23.56 13.38 3.90
N TRP B 240 24.67 14.12 3.74
CA TRP B 240 24.78 15.48 4.22
C TRP B 240 24.76 16.46 3.05
N GLY B 241 24.10 17.60 3.25
CA GLY B 241 24.18 18.73 2.34
C GLY B 241 25.60 19.09 1.96
N ARG B 242 25.78 19.60 0.73
CA ARG B 242 27.08 19.83 0.13
C ARG B 242 27.05 21.16 -0.61
N ALA B 243 28.19 21.85 -0.66
CA ALA B 243 28.27 23.03 -1.51
C ALA B 243 29.48 22.94 -2.44
#